data_3HC7
#
_entry.id   3HC7
#
_cell.length_a   92.530
_cell.length_b   92.530
_cell.length_c   69.630
_cell.angle_alpha   90.00
_cell.angle_beta   90.00
_cell.angle_gamma   90.00
#
_symmetry.space_group_name_H-M   'P 43 21 2'
#
loop_
_entity.id
_entity.type
_entity.pdbx_description
1 polymer 'Gene 12 protein'
2 water water
#
_entity_poly.entity_id   1
_entity_poly.type   'polypeptide(L)'
_entity_poly.pdbx_seq_one_letter_code
;MSKPWLFTVHGTGQPDPLGPGLPADTARDVLDIYRWQPIGNYPAAAFPMWPSVEKGVAELILQIELKLDADPYADFAMAG
YSQGAIVVGQVLKHHILPPTGRLHRFLHRLKKVIFWGNPMRQKGFAHSDEWIHPVAAPDTLGILEDRLENLEQYGFEVRD
YAHDGDMYASIKEDDLHEYEVAIGRIVMKASGFIGGRDSVVAQLIELGQRPITEGIALAGAIIDALTFFARSRMGDKWPH
LYNRYPAVEFLRQI
;
_entity_poly.pdbx_strand_id   A
#
# COMPACT_ATOMS: atom_id res chain seq x y z
N SER A 2 -26.92 6.47 -1.70
CA SER A 2 -26.73 6.61 -3.15
C SER A 2 -25.58 5.75 -3.65
N LYS A 3 -25.17 5.97 -4.90
CA LYS A 3 -24.10 5.20 -5.51
C LYS A 3 -22.78 5.47 -4.77
N PRO A 4 -22.19 4.43 -4.16
CA PRO A 4 -20.97 4.57 -3.35
C PRO A 4 -19.74 4.87 -4.21
N TRP A 5 -18.74 5.51 -3.60
CA TRP A 5 -17.50 5.83 -4.30
C TRP A 5 -16.43 4.78 -4.05
N LEU A 6 -15.64 4.52 -5.09
CA LEU A 6 -14.48 3.65 -4.97
C LEU A 6 -13.21 4.42 -5.35
N PHE A 7 -12.28 4.51 -4.41
CA PHE A 7 -11.01 5.20 -4.63
C PHE A 7 -9.91 4.15 -4.77
N THR A 8 -9.08 4.30 -5.80
CA THR A 8 -8.06 3.30 -6.09
C THR A 8 -6.70 3.93 -6.30
N VAL A 9 -5.69 3.26 -5.77
CA VAL A 9 -4.31 3.73 -5.89
C VAL A 9 -3.46 2.59 -6.40
N HIS A 10 -2.92 2.78 -7.60
CA HIS A 10 -2.06 1.78 -8.24
C HIS A 10 -0.79 1.44 -7.45
N GLY A 11 -0.18 0.31 -7.80
CA GLY A 11 1.09 -0.09 -7.25
C GLY A 11 2.24 0.59 -7.97
N THR A 12 3.45 0.35 -7.47
CA THR A 12 4.67 0.90 -8.03
C THR A 12 4.75 0.65 -9.54
N GLY A 13 5.13 1.67 -10.29
CA GLY A 13 5.35 1.52 -11.72
C GLY A 13 4.18 1.82 -12.64
N GLN A 14 3.03 2.17 -12.06
CA GLN A 14 1.86 2.50 -12.88
C GLN A 14 1.32 3.91 -12.58
N PRO A 15 1.92 4.93 -13.21
CA PRO A 15 1.54 6.33 -12.94
C PRO A 15 0.25 6.76 -13.64
N ASP A 16 -0.39 5.84 -14.34
CA ASP A 16 -1.64 6.15 -15.03
C ASP A 16 -2.84 5.62 -14.27
N PRO A 17 -3.59 6.52 -13.62
CA PRO A 17 -4.74 6.15 -12.78
C PRO A 17 -5.64 5.14 -13.46
N LEU A 18 -5.86 5.35 -14.76
CA LEU A 18 -6.80 4.54 -15.53
C LEU A 18 -6.14 3.31 -16.15
N GLY A 19 -4.82 3.25 -16.06
CA GLY A 19 -4.07 2.17 -16.66
C GLY A 19 -4.32 0.82 -16.01
N PRO A 20 -3.87 -0.25 -16.70
CA PRO A 20 -3.87 -1.64 -16.23
C PRO A 20 -3.22 -1.76 -14.87
N GLY A 21 -3.77 -2.61 -14.02
CA GLY A 21 -3.25 -2.79 -12.68
C GLY A 21 -4.33 -3.18 -11.70
N LEU A 22 -3.94 -3.90 -10.66
CA LEU A 22 -4.87 -4.55 -9.74
C LEU A 22 -6.05 -3.69 -9.26
N PRO A 23 -5.78 -2.49 -8.71
CA PRO A 23 -6.90 -1.68 -8.18
C PRO A 23 -7.79 -1.14 -9.29
N ALA A 24 -7.22 -0.75 -10.42
CA ALA A 24 -8.03 -0.22 -11.51
C ALA A 24 -8.83 -1.35 -12.18
N ASP A 25 -8.17 -2.49 -12.37
CA ASP A 25 -8.83 -3.65 -12.95
C ASP A 25 -10.05 -4.00 -12.10
N THR A 26 -9.87 -3.93 -10.80
CA THR A 26 -10.93 -4.28 -9.86
C THR A 26 -12.09 -3.30 -10.01
N ALA A 27 -11.82 -2.00 -9.86
CA ALA A 27 -12.84 -0.98 -10.04
C ALA A 27 -13.66 -1.19 -11.32
N ARG A 28 -13.00 -1.60 -12.39
CA ARG A 28 -13.66 -1.83 -13.67
C ARG A 28 -14.62 -3.01 -13.65
N ASP A 29 -14.53 -3.84 -12.61
CA ASP A 29 -15.40 -5.00 -12.47
C ASP A 29 -16.61 -4.74 -11.57
N VAL A 30 -16.72 -3.52 -11.06
CA VAL A 30 -17.84 -3.19 -10.17
C VAL A 30 -18.41 -1.80 -10.45
N LEU A 31 -18.19 -1.29 -11.66
CA LEU A 31 -18.66 0.05 -11.98
C LEU A 31 -20.18 0.13 -12.04
N ASP A 32 -20.84 -1.02 -11.95
CA ASP A 32 -22.30 -1.06 -11.97
C ASP A 32 -22.86 -0.84 -10.57
N ILE A 33 -21.99 -0.86 -9.57
CA ILE A 33 -22.45 -0.67 -8.20
C ILE A 33 -21.68 0.43 -7.47
N TYR A 34 -20.49 0.76 -7.98
CA TYR A 34 -19.68 1.84 -7.41
C TYR A 34 -19.38 2.90 -8.48
N ARG A 35 -19.26 4.15 -8.04
CA ARG A 35 -18.66 5.19 -8.86
C ARG A 35 -17.15 5.16 -8.61
N TRP A 36 -16.36 5.41 -9.66
CA TRP A 36 -14.93 5.18 -9.60
C TRP A 36 -14.08 6.44 -9.75
N GLN A 37 -13.22 6.70 -8.75
CA GLN A 37 -12.27 7.80 -8.80
C GLN A 37 -10.84 7.32 -8.63
N PRO A 38 -10.16 7.04 -9.76
CA PRO A 38 -8.76 6.63 -9.72
C PRO A 38 -7.90 7.78 -9.18
N ILE A 39 -6.89 7.47 -8.39
CA ILE A 39 -6.05 8.52 -7.81
C ILE A 39 -4.83 8.84 -8.67
N GLY A 40 -4.79 10.07 -9.20
CA GLY A 40 -3.66 10.53 -10.01
C GLY A 40 -2.75 11.48 -9.24
N ASN A 41 -1.99 12.29 -9.98
CA ASN A 41 -0.98 13.14 -9.36
C ASN A 41 -0.07 12.33 -8.46
N TYR A 42 0.27 11.14 -8.91
CA TYR A 42 0.90 10.14 -8.08
C TYR A 42 1.88 9.37 -8.95
N PRO A 43 3.19 9.60 -8.74
CA PRO A 43 4.20 9.07 -9.67
C PRO A 43 4.29 7.54 -9.63
N ALA A 44 3.80 6.92 -8.57
CA ALA A 44 3.99 5.48 -8.35
C ALA A 44 5.45 5.04 -8.56
N ALA A 45 6.40 5.84 -8.06
CA ALA A 45 7.81 5.63 -8.36
C ALA A 45 8.43 4.55 -7.48
N ALA A 46 9.32 3.75 -8.05
CA ALA A 46 10.06 2.74 -7.29
C ALA A 46 11.08 3.37 -6.34
N PHE A 47 11.68 4.48 -6.76
CA PHE A 47 12.66 5.19 -5.93
C PHE A 47 12.98 6.57 -6.44
N PRO A 48 12.91 7.59 -5.56
CA PRO A 48 12.52 7.43 -4.14
C PRO A 48 11.03 7.21 -4.02
N MET A 49 10.65 6.23 -3.21
CA MET A 49 9.25 5.87 -3.07
C MET A 49 8.48 6.79 -2.12
N TRP A 50 9.05 7.11 -0.96
CA TRP A 50 8.25 7.85 0.01
C TRP A 50 7.68 9.18 -0.50
N PRO A 51 8.50 9.98 -1.23
CA PRO A 51 7.89 11.20 -1.80
C PRO A 51 6.75 10.85 -2.74
N SER A 52 6.84 9.70 -3.39
CA SER A 52 5.75 9.27 -4.26
C SER A 52 4.51 8.98 -3.41
N VAL A 53 4.70 8.25 -2.32
CA VAL A 53 3.63 7.97 -1.37
C VAL A 53 2.94 9.24 -0.85
N GLU A 54 3.72 10.25 -0.51
CA GLU A 54 3.18 11.51 0.01
C GLU A 54 2.25 12.17 -1.00
N LYS A 55 2.62 12.14 -2.29
CA LYS A 55 1.76 12.73 -3.33
C LYS A 55 0.45 11.97 -3.48
N GLY A 56 0.53 10.64 -3.47
CA GLY A 56 -0.65 9.81 -3.56
C GLY A 56 -1.57 10.04 -2.37
N VAL A 57 -0.98 10.16 -1.18
CA VAL A 57 -1.77 10.43 0.02
C VAL A 57 -2.50 11.76 -0.09
N ALA A 58 -1.79 12.80 -0.50
CA ALA A 58 -2.42 14.11 -0.63
C ALA A 58 -3.57 14.04 -1.63
N GLU A 59 -3.39 13.35 -2.74
CA GLU A 59 -4.45 13.28 -3.74
C GLU A 59 -5.64 12.45 -3.26
N LEU A 60 -5.37 11.37 -2.53
CA LEU A 60 -6.46 10.53 -2.05
C LEU A 60 -7.31 11.27 -1.02
N ILE A 61 -6.67 12.06 -0.18
CA ILE A 61 -7.39 12.84 0.83
C ILE A 61 -8.27 13.87 0.13
N LEU A 62 -7.66 14.60 -0.81
CA LEU A 62 -8.36 15.63 -1.58
C LEU A 62 -9.61 15.07 -2.24
N GLN A 63 -9.46 13.98 -2.97
CA GLN A 63 -10.55 13.38 -3.73
C GLN A 63 -11.68 12.88 -2.83
N ILE A 64 -11.31 12.26 -1.71
CA ILE A 64 -12.31 11.76 -0.76
C ILE A 64 -13.20 12.89 -0.27
N GLU A 65 -12.58 13.99 0.13
CA GLU A 65 -13.31 15.18 0.57
C GLU A 65 -14.26 15.66 -0.53
N LEU A 66 -13.75 15.74 -1.76
CA LEU A 66 -14.55 16.23 -2.86
C LEU A 66 -15.82 15.39 -3.05
N LYS A 67 -15.63 14.15 -3.47
CA LYS A 67 -16.75 13.28 -3.78
C LYS A 67 -17.72 13.17 -2.61
N LEU A 68 -17.20 13.00 -1.41
CA LEU A 68 -18.04 12.74 -0.24
C LEU A 68 -18.75 13.98 0.31
N ASP A 69 -18.17 15.16 0.11
CA ASP A 69 -18.86 16.40 0.45
C ASP A 69 -19.99 16.65 -0.56
N ALA A 70 -19.76 16.27 -1.81
CA ALA A 70 -20.72 16.48 -2.86
C ALA A 70 -21.95 15.59 -2.69
N ASP A 71 -21.74 14.37 -2.20
CA ASP A 71 -22.85 13.44 -2.01
C ASP A 71 -22.83 12.85 -0.59
N PRO A 72 -23.48 13.57 0.35
CA PRO A 72 -23.47 13.21 1.78
C PRO A 72 -24.09 11.85 2.09
N TYR A 73 -24.84 11.27 1.15
CA TYR A 73 -25.49 9.99 1.40
C TYR A 73 -24.68 8.87 0.76
N ALA A 74 -23.55 9.23 0.17
CA ALA A 74 -22.70 8.26 -0.50
C ALA A 74 -21.68 7.68 0.48
N ASP A 75 -21.69 6.36 0.60
CA ASP A 75 -20.65 5.68 1.38
C ASP A 75 -19.45 5.52 0.47
N PHE A 76 -18.36 4.97 0.99
CA PHE A 76 -17.20 4.76 0.11
C PHE A 76 -16.35 3.55 0.49
N ALA A 77 -15.44 3.22 -0.41
CA ALA A 77 -14.51 2.12 -0.23
C ALA A 77 -13.17 2.55 -0.82
N MET A 78 -12.10 1.90 -0.40
CA MET A 78 -10.77 2.20 -0.92
C MET A 78 -10.03 0.92 -1.29
N ALA A 79 -9.17 1.01 -2.30
CA ALA A 79 -8.41 -0.15 -2.75
C ALA A 79 -7.04 0.29 -3.24
N GLY A 80 -6.00 -0.30 -2.66
CA GLY A 80 -4.65 0.02 -3.03
C GLY A 80 -3.77 -1.20 -3.08
N TYR A 81 -2.81 -1.18 -4.00
CA TYR A 81 -1.88 -2.29 -4.23
C TYR A 81 -0.45 -1.81 -4.04
N SER A 82 0.32 -2.56 -3.25
CA SER A 82 1.74 -2.30 -2.99
C SER A 82 2.01 -0.85 -2.54
N GLN A 83 2.78 -0.07 -3.28
CA GLN A 83 2.93 1.33 -2.88
C GLN A 83 1.55 1.95 -2.67
N GLY A 84 0.60 1.52 -3.49
CA GLY A 84 -0.78 1.98 -3.38
C GLY A 84 -1.42 1.61 -2.06
N ALA A 85 -1.01 0.45 -1.51
CA ALA A 85 -1.52 0.01 -0.21
C ALA A 85 -0.99 0.90 0.90
N ILE A 86 0.26 1.35 0.76
CA ILE A 86 0.81 2.31 1.72
C ILE A 86 -0.02 3.61 1.70
N VAL A 87 -0.33 4.11 0.50
CA VAL A 87 -1.12 5.33 0.38
C VAL A 87 -2.46 5.18 1.09
N VAL A 88 -3.20 4.12 0.76
CA VAL A 88 -4.51 3.90 1.39
C VAL A 88 -4.36 3.69 2.90
N GLY A 89 -3.32 2.95 3.28
CA GLY A 89 -3.06 2.67 4.69
C GLY A 89 -2.73 3.92 5.50
N GLN A 90 -1.97 4.83 4.91
CA GLN A 90 -1.63 6.08 5.58
C GLN A 90 -2.86 6.93 5.79
N VAL A 91 -3.69 7.01 4.75
CA VAL A 91 -4.91 7.80 4.81
C VAL A 91 -5.83 7.25 5.88
N LEU A 92 -6.01 5.93 5.89
CA LEU A 92 -6.86 5.28 6.89
C LEU A 92 -6.33 5.53 8.30
N LYS A 93 -5.10 5.08 8.56
CA LYS A 93 -4.56 5.14 9.91
C LYS A 93 -4.43 6.56 10.48
N HIS A 94 -3.98 7.49 9.65
CA HIS A 94 -3.62 8.80 10.18
C HIS A 94 -4.53 9.94 9.76
N HIS A 95 -5.53 9.66 8.92
CA HIS A 95 -6.43 10.73 8.47
C HIS A 95 -7.91 10.41 8.65
N ILE A 96 -8.26 9.13 8.63
CA ILE A 96 -9.64 8.74 8.88
C ILE A 96 -9.89 8.31 10.33
N LEU A 97 -9.04 7.42 10.84
CA LEU A 97 -9.23 6.90 12.20
C LEU A 97 -9.06 7.92 13.35
N PRO A 98 -8.04 8.80 13.28
CA PRO A 98 -7.84 9.61 14.49
C PRO A 98 -8.98 10.56 14.80
N PRO A 99 -9.24 10.82 16.09
CA PRO A 99 -10.42 11.62 16.49
C PRO A 99 -10.36 13.04 15.95
N THR A 100 -9.19 13.52 15.54
CA THR A 100 -9.09 14.83 14.90
C THR A 100 -8.48 14.74 13.51
N GLY A 101 -8.55 13.55 12.90
CA GLY A 101 -8.07 13.38 11.54
C GLY A 101 -8.94 14.17 10.58
N ARG A 102 -8.31 14.69 9.53
CA ARG A 102 -9.00 15.48 8.50
C ARG A 102 -10.21 14.77 7.91
N LEU A 103 -10.19 13.44 7.86
CA LEU A 103 -11.28 12.70 7.22
C LEU A 103 -12.11 11.91 8.23
N HIS A 104 -11.95 12.22 9.51
CA HIS A 104 -12.57 11.45 10.56
C HIS A 104 -14.08 11.49 10.46
N ARG A 105 -14.61 12.62 10.00
CA ARG A 105 -16.06 12.77 9.87
C ARG A 105 -16.64 11.85 8.79
N PHE A 106 -15.77 11.26 7.97
CA PHE A 106 -16.26 10.31 6.97
C PHE A 106 -16.15 8.88 7.47
N LEU A 107 -15.62 8.71 8.67
CA LEU A 107 -15.37 7.36 9.18
C LEU A 107 -16.61 6.49 9.14
N HIS A 108 -17.74 7.03 9.58
CA HIS A 108 -18.99 6.28 9.64
C HIS A 108 -19.49 5.90 8.25
N ARG A 109 -18.88 6.48 7.21
CA ARG A 109 -19.32 6.21 5.85
C ARG A 109 -18.39 5.23 5.10
N LEU A 110 -17.27 4.90 5.71
CA LEU A 110 -16.33 3.96 5.13
C LEU A 110 -16.84 2.54 5.35
N LYS A 111 -17.06 1.80 4.28
CA LYS A 111 -17.61 0.45 4.39
C LYS A 111 -16.58 -0.65 4.14
N LYS A 112 -15.67 -0.42 3.20
CA LYS A 112 -14.76 -1.48 2.77
C LYS A 112 -13.40 -0.92 2.37
N VAL A 113 -12.35 -1.62 2.78
CA VAL A 113 -11.02 -1.27 2.34
C VAL A 113 -10.33 -2.52 1.82
N ILE A 114 -9.63 -2.38 0.70
CA ILE A 114 -8.88 -3.49 0.12
C ILE A 114 -7.41 -3.15 -0.01
N PHE A 115 -6.55 -4.02 0.52
CA PHE A 115 -5.11 -3.94 0.30
C PHE A 115 -4.62 -5.21 -0.40
N TRP A 116 -3.76 -5.04 -1.40
CA TRP A 116 -2.98 -6.15 -1.93
C TRP A 116 -1.53 -5.80 -1.69
N GLY A 117 -0.73 -6.78 -1.28
CA GLY A 117 0.71 -6.59 -1.06
C GLY A 117 1.07 -5.38 -0.22
N ASN A 118 0.58 -5.36 1.02
CA ASN A 118 0.58 -4.18 1.90
C ASN A 118 1.77 -4.05 2.86
N PRO A 119 2.66 -3.07 2.61
CA PRO A 119 3.81 -2.88 3.51
C PRO A 119 3.40 -2.42 4.91
N MET A 120 2.15 -2.02 5.09
CA MET A 120 1.64 -1.64 6.40
C MET A 120 0.70 -2.70 6.93
N ARG A 121 0.72 -3.89 6.35
CA ARG A 121 -0.24 -4.90 6.75
C ARG A 121 -0.15 -5.23 8.24
N GLN A 122 -1.29 -5.18 8.92
CA GLN A 122 -1.37 -5.45 10.35
C GLN A 122 -0.90 -6.87 10.65
N LYS A 123 -0.34 -7.08 11.83
CA LYS A 123 0.21 -8.39 12.18
C LYS A 123 -0.87 -9.48 12.21
N GLY A 124 -0.65 -10.55 11.46
CA GLY A 124 -1.55 -11.69 11.48
C GLY A 124 -2.88 -11.49 10.77
N PHE A 125 -3.02 -10.35 10.10
CA PHE A 125 -4.24 -10.02 9.39
C PHE A 125 -4.07 -10.23 7.87
N ALA A 126 -4.63 -11.32 7.33
CA ALA A 126 -4.50 -11.61 5.90
C ALA A 126 -5.62 -12.46 5.31
N HIS A 127 -5.86 -12.29 4.01
CA HIS A 127 -6.90 -13.05 3.30
C HIS A 127 -6.30 -13.68 2.05
N SER A 128 -6.82 -14.85 1.69
CA SER A 128 -6.37 -15.53 0.48
C SER A 128 -7.00 -14.90 -0.76
N ASP A 129 -6.26 -14.86 -1.86
CA ASP A 129 -6.82 -14.43 -3.13
C ASP A 129 -7.22 -15.61 -4.00
N GLU A 130 -7.41 -16.77 -3.38
CA GLU A 130 -7.98 -17.93 -4.04
C GLU A 130 -7.27 -18.15 -5.37
N TRP A 131 -5.98 -18.45 -5.29
CA TRP A 131 -5.14 -18.50 -6.47
C TRP A 131 -4.01 -19.48 -6.22
N ILE A 132 -2.88 -19.29 -6.90
CA ILE A 132 -1.81 -20.28 -6.87
C ILE A 132 -0.81 -20.04 -5.74
N HIS A 133 -1.05 -19.03 -4.92
CA HIS A 133 -0.15 -18.70 -3.83
C HIS A 133 -0.78 -18.83 -2.45
N PRO A 134 -0.01 -19.35 -1.49
CA PRO A 134 -0.46 -19.54 -0.11
C PRO A 134 -0.56 -18.21 0.63
N VAL A 135 -1.65 -18.02 1.37
CA VAL A 135 -1.83 -16.80 2.14
C VAL A 135 -0.65 -16.63 3.10
N ALA A 136 -0.34 -15.38 3.44
CA ALA A 136 0.75 -15.06 4.36
C ALA A 136 0.52 -15.69 5.74
N ALA A 137 1.60 -16.17 6.36
CA ALA A 137 1.52 -16.87 7.64
C ALA A 137 1.14 -15.95 8.79
N PRO A 138 0.66 -16.53 9.90
CA PRO A 138 0.15 -15.84 11.08
C PRO A 138 1.17 -15.00 11.83
N ASP A 139 2.45 -15.35 11.76
CA ASP A 139 3.46 -14.59 12.50
C ASP A 139 4.14 -13.53 11.65
N THR A 140 3.53 -13.22 10.50
CA THR A 140 4.07 -12.19 9.63
C THR A 140 3.24 -10.91 9.62
N LEU A 141 3.90 -9.82 9.23
CA LEU A 141 3.27 -8.51 9.15
C LEU A 141 3.92 -7.66 8.06
N GLY A 142 3.46 -6.43 7.93
CA GLY A 142 4.08 -5.49 7.01
C GLY A 142 5.45 -5.09 7.51
N ILE A 143 6.38 -4.89 6.60
CA ILE A 143 7.71 -4.45 6.96
C ILE A 143 7.74 -3.10 7.70
N LEU A 144 6.89 -2.16 7.29
CA LEU A 144 6.94 -0.78 7.83
C LEU A 144 6.58 -0.71 9.30
N GLU A 145 7.30 0.11 10.07
CA GLU A 145 7.08 0.25 11.51
C GLU A 145 5.77 0.98 11.83
N ASP A 146 5.37 1.86 10.93
CA ASP A 146 4.09 2.55 11.01
C ASP A 146 3.06 1.70 10.25
N ARG A 147 2.52 0.69 10.91
CA ARG A 147 1.62 -0.24 10.25
C ARG A 147 0.23 -0.20 10.87
N LEU A 148 -0.73 -0.83 10.20
CA LEU A 148 -2.10 -0.81 10.66
C LEU A 148 -2.24 -1.64 11.93
N GLU A 149 -3.19 -1.26 12.79
CA GLU A 149 -3.44 -2.00 14.02
C GLU A 149 -4.93 -1.99 14.38
N ASN A 150 -5.37 -3.04 15.08
CA ASN A 150 -6.72 -3.09 15.64
C ASN A 150 -7.81 -2.86 14.60
N LEU A 151 -7.59 -3.32 13.38
CA LEU A 151 -8.54 -3.09 12.31
C LEU A 151 -9.88 -3.73 12.65
N GLU A 152 -9.82 -4.92 13.26
CA GLU A 152 -11.01 -5.68 13.59
C GLU A 152 -11.91 -4.94 14.58
N GLN A 153 -11.44 -3.82 15.11
CA GLN A 153 -12.18 -3.08 16.12
C GLN A 153 -13.13 -2.04 15.54
N TYR A 154 -13.10 -1.87 14.23
CA TYR A 154 -13.93 -0.86 13.57
C TYR A 154 -15.10 -1.44 12.77
N GLY A 155 -16.03 -0.56 12.38
CA GLY A 155 -17.23 -0.97 11.67
C GLY A 155 -17.02 -1.33 10.22
N PHE A 156 -16.01 -0.77 9.58
CA PHE A 156 -15.74 -1.05 8.19
C PHE A 156 -15.16 -2.44 8.06
N GLU A 157 -15.22 -3.01 6.88
CA GLU A 157 -14.56 -4.27 6.67
C GLU A 157 -13.36 -4.13 5.76
N VAL A 158 -12.38 -4.94 6.05
CA VAL A 158 -11.10 -4.85 5.37
C VAL A 158 -10.75 -6.17 4.72
N ARG A 159 -10.26 -6.12 3.50
CA ARG A 159 -9.58 -7.25 2.91
C ARG A 159 -8.10 -6.93 2.66
N ASP A 160 -7.21 -7.71 3.24
CA ASP A 160 -5.77 -7.55 3.06
C ASP A 160 -5.16 -8.84 2.53
N TYR A 161 -5.02 -8.89 1.23
CA TYR A 161 -4.52 -10.05 0.49
C TYR A 161 -3.00 -10.04 0.44
N ALA A 162 -2.38 -11.08 0.98
CA ALA A 162 -0.94 -11.13 1.12
C ALA A 162 -0.44 -12.55 0.98
N HIS A 163 0.58 -12.72 0.15
CA HIS A 163 1.18 -14.03 -0.09
C HIS A 163 2.50 -14.14 0.63
N ASP A 164 2.79 -15.31 1.18
CA ASP A 164 4.16 -15.57 1.60
C ASP A 164 5.02 -15.60 0.34
N GLY A 165 6.17 -14.97 0.40
CA GLY A 165 6.97 -14.79 -0.79
C GLY A 165 6.97 -13.31 -1.14
N ASP A 166 5.88 -12.65 -0.78
CA ASP A 166 5.81 -11.20 -0.86
C ASP A 166 6.35 -10.66 0.47
N MET A 167 7.66 -10.52 0.55
CA MET A 167 8.34 -10.29 1.82
C MET A 167 7.94 -9.01 2.54
N TYR A 168 7.94 -7.89 1.83
CA TYR A 168 7.59 -6.62 2.45
C TYR A 168 6.16 -6.60 2.99
N ALA A 169 5.32 -7.46 2.44
CA ALA A 169 3.95 -7.60 2.93
C ALA A 169 3.89 -8.66 4.03
N SER A 170 4.93 -9.47 4.13
CA SER A 170 4.94 -10.58 5.08
C SER A 170 6.34 -10.87 5.64
N ILE A 171 6.79 -10.02 6.54
CA ILE A 171 8.03 -10.23 7.26
C ILE A 171 7.68 -10.96 8.55
N LYS A 172 8.52 -11.90 8.96
CA LYS A 172 8.31 -12.58 10.24
C LYS A 172 8.67 -11.63 11.36
N GLU A 173 7.80 -11.54 12.36
CA GLU A 173 8.00 -10.59 13.46
C GLU A 173 9.42 -10.62 14.03
N ASP A 174 9.98 -11.82 14.18
CA ASP A 174 11.32 -11.96 14.73
C ASP A 174 12.43 -11.38 13.85
N ASP A 175 12.15 -11.17 12.57
CA ASP A 175 13.16 -10.72 11.62
C ASP A 175 13.12 -9.22 11.39
N LEU A 176 12.27 -8.54 12.13
CA LEU A 176 11.91 -7.16 11.85
C LEU A 176 13.08 -6.19 11.86
N HIS A 177 14.12 -6.52 12.61
CA HIS A 177 15.27 -5.62 12.72
C HIS A 177 16.55 -6.27 12.25
N GLU A 178 16.40 -7.33 11.47
CA GLU A 178 17.51 -7.88 10.73
C GLU A 178 18.02 -6.83 9.74
N TYR A 179 19.32 -6.83 9.52
CA TYR A 179 20.01 -5.84 8.68
C TYR A 179 19.38 -5.62 7.30
N GLU A 180 19.22 -6.70 6.54
CA GLU A 180 18.62 -6.65 5.22
C GLU A 180 17.23 -6.04 5.27
N VAL A 181 16.46 -6.43 6.29
CA VAL A 181 15.12 -5.89 6.47
C VAL A 181 15.18 -4.39 6.78
N ALA A 182 16.11 -3.98 7.63
CA ALA A 182 16.24 -2.57 7.99
C ALA A 182 16.58 -1.72 6.77
N ILE A 183 17.45 -2.26 5.91
CA ILE A 183 17.89 -1.48 4.75
C ILE A 183 16.76 -1.38 3.73
N GLY A 184 15.99 -2.46 3.62
CA GLY A 184 14.73 -2.39 2.88
C GLY A 184 13.80 -1.29 3.36
N ARG A 185 13.62 -1.18 4.67
CA ARG A 185 12.78 -0.09 5.21
C ARG A 185 13.40 1.25 4.87
N ILE A 186 14.72 1.34 4.97
CA ILE A 186 15.39 2.59 4.65
C ILE A 186 15.07 3.04 3.22
N VAL A 187 15.20 2.11 2.28
CA VAL A 187 14.93 2.39 0.87
C VAL A 187 13.50 2.89 0.64
N MET A 188 12.55 2.23 1.27
CA MET A 188 11.16 2.64 1.13
C MET A 188 10.83 4.01 1.73
N LYS A 189 11.53 4.40 2.80
CA LYS A 189 11.23 5.68 3.48
C LYS A 189 12.09 6.88 3.02
N ALA A 190 13.14 6.61 2.25
CA ALA A 190 14.12 7.64 1.93
C ALA A 190 13.58 8.71 0.99
N SER A 191 14.09 9.94 1.14
CA SER A 191 13.77 11.03 0.23
C SER A 191 14.59 10.96 -1.05
N GLY A 192 15.67 10.17 -1.01
CA GLY A 192 16.65 10.05 -2.09
C GLY A 192 17.87 9.32 -1.53
N PHE A 193 18.86 9.04 -2.37
CA PHE A 193 20.01 8.26 -1.91
C PHE A 193 20.98 9.13 -1.11
N ILE A 194 21.22 10.33 -1.63
CA ILE A 194 22.13 11.29 -1.01
C ILE A 194 21.40 12.63 -0.97
N GLY A 195 21.51 13.32 0.15
CA GLY A 195 20.85 14.59 0.33
C GLY A 195 20.65 14.87 1.81
N GLY A 196 19.42 15.18 2.20
CA GLY A 196 19.15 15.59 3.56
C GLY A 196 19.05 14.48 4.59
N ARG A 197 18.47 14.84 5.73
CA ARG A 197 18.39 13.99 6.90
C ARG A 197 17.68 12.67 6.61
N ASP A 198 16.84 12.65 5.59
CA ASP A 198 16.10 11.42 5.28
C ASP A 198 16.69 10.63 4.11
N SER A 199 17.91 10.96 3.69
CA SER A 199 18.51 10.19 2.59
C SER A 199 18.88 8.75 3.00
N VAL A 200 19.07 7.88 2.00
CA VAL A 200 19.56 6.55 2.27
C VAL A 200 20.86 6.65 3.08
N VAL A 201 21.77 7.52 2.65
CA VAL A 201 23.08 7.61 3.28
C VAL A 201 23.01 8.11 4.73
N ALA A 202 22.15 9.09 4.98
CA ALA A 202 21.96 9.58 6.36
C ALA A 202 21.42 8.46 7.24
N GLN A 203 20.43 7.74 6.73
CA GLN A 203 19.83 6.62 7.44
C GLN A 203 20.82 5.48 7.67
N LEU A 204 21.69 5.22 6.70
CA LEU A 204 22.68 4.17 6.85
C LEU A 204 23.61 4.48 8.02
N ILE A 205 23.96 5.76 8.16
CA ILE A 205 24.84 6.19 9.23
C ILE A 205 24.19 5.97 10.58
N GLU A 206 22.93 6.37 10.70
CA GLU A 206 22.18 6.15 11.93
C GLU A 206 22.07 4.65 12.24
N LEU A 207 21.82 3.84 11.21
CA LEU A 207 21.71 2.39 11.38
C LEU A 207 22.99 1.77 11.91
N GLY A 208 24.12 2.17 11.32
CA GLY A 208 25.40 1.59 11.69
C GLY A 208 25.45 0.10 11.41
N GLN A 209 25.96 -0.67 12.36
CA GLN A 209 26.07 -2.12 12.28
C GLN A 209 27.14 -2.66 11.34
N ARG A 210 27.15 -2.20 10.10
CA ARG A 210 28.09 -2.70 9.09
C ARG A 210 28.65 -1.53 8.30
N PRO A 211 29.77 -1.76 7.59
CA PRO A 211 30.40 -0.65 6.86
C PRO A 211 29.42 0.07 5.94
N ILE A 212 29.57 1.37 5.81
CA ILE A 212 28.67 2.16 5.00
C ILE A 212 28.62 1.63 3.57
N THR A 213 29.77 1.27 3.03
CA THR A 213 29.86 0.77 1.66
C THR A 213 29.00 -0.49 1.45
N GLU A 214 28.95 -1.34 2.46
CA GLU A 214 28.14 -2.55 2.37
C GLU A 214 26.66 -2.17 2.31
N GLY A 215 26.29 -1.15 3.07
CA GLY A 215 24.91 -0.69 3.10
C GLY A 215 24.52 0.01 1.79
N ILE A 216 25.47 0.73 1.22
CA ILE A 216 25.22 1.41 -0.05
C ILE A 216 24.96 0.37 -1.14
N ALA A 217 25.81 -0.65 -1.19
CA ALA A 217 25.67 -1.71 -2.18
C ALA A 217 24.34 -2.45 -2.06
N LEU A 218 23.94 -2.82 -0.85
CA LEU A 218 22.68 -3.54 -0.68
C LEU A 218 21.48 -2.66 -1.04
N ALA A 219 21.50 -1.42 -0.59
CA ALA A 219 20.47 -0.47 -0.96
C ALA A 219 20.36 -0.32 -2.49
N GLY A 220 21.49 -0.21 -3.16
CA GLY A 220 21.48 -0.16 -4.61
C GLY A 220 20.85 -1.39 -5.24
N ALA A 221 21.18 -2.56 -4.73
CA ALA A 221 20.68 -3.80 -5.30
C ALA A 221 19.20 -3.93 -5.03
N ILE A 222 18.75 -3.45 -3.88
CA ILE A 222 17.34 -3.52 -3.59
C ILE A 222 16.61 -2.59 -4.55
N ILE A 223 17.16 -1.40 -4.78
CA ILE A 223 16.54 -0.45 -5.70
C ILE A 223 16.50 -1.02 -7.12
N ASP A 224 17.58 -1.64 -7.57
CA ASP A 224 17.60 -2.30 -8.88
C ASP A 224 16.51 -3.36 -8.99
N ALA A 225 16.25 -4.09 -7.90
CA ALA A 225 15.21 -5.11 -7.94
C ALA A 225 13.80 -4.53 -7.92
N LEU A 226 13.57 -3.52 -7.09
CA LEU A 226 12.26 -2.87 -7.04
C LEU A 226 11.93 -2.30 -8.42
N THR A 227 12.94 -1.75 -9.08
CA THR A 227 12.79 -1.18 -10.40
C THR A 227 12.44 -2.28 -11.42
N PHE A 228 13.14 -3.40 -11.32
CA PHE A 228 12.87 -4.59 -12.13
C PHE A 228 11.41 -5.04 -12.06
N PHE A 229 10.82 -4.99 -10.88
CA PHE A 229 9.40 -5.35 -10.73
C PHE A 229 8.46 -4.27 -11.29
N ALA A 230 8.91 -3.02 -11.19
CA ALA A 230 8.07 -1.88 -11.55
C ALA A 230 7.97 -1.67 -13.06
N ARG A 231 9.07 -1.91 -13.75
CA ARG A 231 9.16 -1.56 -15.16
C ARG A 231 9.85 -2.65 -15.95
N SER A 232 9.31 -3.86 -15.89
CA SER A 232 9.93 -4.98 -16.60
C SER A 232 8.92 -6.09 -16.88
N ARG A 233 8.92 -6.55 -18.12
CA ARG A 233 8.05 -7.63 -18.54
C ARG A 233 8.53 -8.98 -17.99
N MET A 234 7.79 -9.50 -17.02
CA MET A 234 8.07 -10.81 -16.44
C MET A 234 6.79 -11.62 -16.53
N GLY A 235 6.80 -12.84 -15.98
CA GLY A 235 5.61 -13.66 -15.95
C GLY A 235 4.48 -13.09 -15.11
N ASP A 236 3.34 -13.77 -15.13
CA ASP A 236 2.16 -13.29 -14.39
C ASP A 236 1.81 -14.19 -13.21
N LYS A 237 2.79 -14.97 -12.75
CA LYS A 237 2.54 -15.90 -11.65
C LYS A 237 3.49 -15.72 -10.47
N TRP A 238 4.05 -14.52 -10.33
CA TRP A 238 4.91 -14.21 -9.19
C TRP A 238 4.09 -13.99 -7.91
N PRO A 239 4.74 -14.13 -6.74
CA PRO A 239 4.09 -13.97 -5.43
C PRO A 239 3.67 -12.53 -5.09
N HIS A 240 4.30 -11.55 -5.72
CA HIS A 240 3.94 -10.15 -5.47
C HIS A 240 2.73 -9.74 -6.30
N LEU A 241 2.20 -10.68 -7.08
CA LEU A 241 1.02 -10.44 -7.91
C LEU A 241 -0.17 -11.14 -7.27
N TYR A 242 -1.38 -10.68 -7.59
CA TYR A 242 -2.58 -11.22 -6.97
C TYR A 242 -3.73 -11.43 -7.95
N ASN A 243 -4.54 -12.44 -7.67
CA ASN A 243 -5.84 -12.62 -8.31
C ASN A 243 -6.84 -11.67 -7.67
N ARG A 244 -7.49 -10.83 -8.49
CA ARG A 244 -8.36 -9.76 -7.99
C ARG A 244 -9.81 -10.16 -7.71
N TYR A 245 -10.20 -11.36 -8.11
CA TYR A 245 -11.62 -11.71 -8.08
C TYR A 245 -12.27 -11.79 -6.69
N PRO A 246 -11.61 -12.44 -5.72
CA PRO A 246 -12.17 -12.41 -4.37
C PRO A 246 -12.43 -10.98 -3.90
N ALA A 247 -11.57 -10.04 -4.29
CA ALA A 247 -11.73 -8.64 -3.95
C ALA A 247 -12.94 -8.03 -4.66
N VAL A 248 -13.16 -8.46 -5.90
CA VAL A 248 -14.37 -8.08 -6.65
C VAL A 248 -15.63 -8.60 -5.95
N GLU A 249 -15.65 -9.89 -5.61
CA GLU A 249 -16.80 -10.45 -4.89
C GLU A 249 -16.91 -9.83 -3.49
N PHE A 250 -15.87 -9.16 -3.05
CA PHE A 250 -15.92 -8.45 -1.78
C PHE A 250 -16.61 -7.11 -1.96
N LEU A 251 -16.16 -6.35 -2.96
CA LEU A 251 -16.78 -5.05 -3.26
C LEU A 251 -18.26 -5.20 -3.60
N ARG A 252 -18.60 -6.28 -4.29
CA ARG A 252 -19.97 -6.51 -4.70
C ARG A 252 -20.80 -6.96 -3.50
N GLN A 253 -20.13 -7.15 -2.38
CA GLN A 253 -20.76 -7.50 -1.10
C GLN A 253 -21.13 -8.97 -1.01
#